data_5VG1
#
_entry.id   5VG1
#
_cell.length_a   32.500
_cell.length_b   76.400
_cell.length_c   122.100
_cell.angle_alpha   90.00
_cell.angle_beta   90.00
_cell.angle_gamma   90.00
#
_symmetry.space_group_name_H-M   'P 21 21 21'
#
loop_
_entity.id
_entity.type
_entity.pdbx_description
1 polymer Chitinase
2 non-polymer 'COPPER (II) ION'
3 non-polymer 'PEROXIDE ION'
4 water water
#
_entity_poly.entity_id   1
_entity_poly.type   'polypeptide(L)'
_entity_poly.pdbx_seq_one_letter_code
;HGWVTDPPSRQALCASGETSFDCGQISYEPQSVEAPKGATTCSGGNEAFAILDDNSKPWPTTEIASTVDLTWKLTAPHNT
STWEYFVDGQLHQTFDQKGQQPPTSLTHTLTDLPTGEHTILARWNVSNTNNAFYNCMDVVVS
;
_entity_poly.pdbx_strand_id   A,B
#
# COMPACT_ATOMS: atom_id res chain seq x y z
N HIS A 1 -3.42 -7.85 -12.44
CA HIS A 1 -2.97 -9.22 -12.54
C HIS A 1 -1.69 -9.33 -13.36
N GLY A 2 -0.79 -10.21 -12.95
CA GLY A 2 0.46 -10.42 -13.64
C GLY A 2 1.44 -11.17 -12.77
N TRP A 3 2.50 -11.67 -13.40
CA TRP A 3 3.48 -12.47 -12.67
C TRP A 3 4.85 -12.36 -13.35
N VAL A 4 5.87 -12.72 -12.59
CA VAL A 4 7.27 -12.60 -13.02
C VAL A 4 7.63 -13.86 -13.80
N THR A 5 8.08 -13.67 -15.05
CA THR A 5 8.35 -14.80 -15.94
C THR A 5 9.82 -15.18 -16.02
N ASP A 6 10.74 -14.26 -15.78
CA ASP A 6 12.17 -14.54 -15.96
C ASP A 6 13.03 -13.70 -15.01
N PRO A 7 13.76 -14.33 -14.08
CA PRO A 7 13.76 -15.77 -13.78
C PRO A 7 12.40 -16.22 -13.26
N PRO A 8 11.98 -17.43 -13.60
CA PRO A 8 10.60 -17.83 -13.32
C PRO A 8 10.30 -17.87 -11.84
N SER A 9 9.11 -17.40 -11.49
CA SER A 9 8.61 -17.48 -10.13
C SER A 9 7.97 -18.85 -9.88
N ARG A 10 7.56 -19.08 -8.63
CA ARG A 10 6.99 -20.36 -8.26
C ARG A 10 5.69 -20.63 -9.02
N GLN A 11 4.85 -19.61 -9.20
CA GLN A 11 3.60 -19.82 -9.94
C GLN A 11 3.86 -19.93 -11.44
N ALA A 12 4.93 -19.31 -11.94
CA ALA A 12 5.33 -19.52 -13.32
C ALA A 12 5.73 -20.96 -13.57
N LEU A 13 6.55 -21.53 -12.68
CA LEU A 13 7.01 -22.90 -12.85
C LEU A 13 5.84 -23.89 -12.75
N CYS A 14 4.88 -23.60 -11.87
CA CYS A 14 3.68 -24.42 -11.82
C CYS A 14 2.89 -24.34 -13.11
N ALA A 15 2.65 -23.11 -13.59
CA ALA A 15 1.85 -22.92 -14.80
C ALA A 15 2.50 -23.49 -16.04
N SER A 16 3.83 -23.61 -16.06
CA SER A 16 4.53 -24.16 -17.21
CA SER A 16 4.54 -24.16 -17.21
C SER A 16 4.81 -25.66 -17.08
N GLY A 17 4.35 -26.28 -16.00
CA GLY A 17 4.57 -27.71 -15.81
C GLY A 17 6.01 -28.09 -15.61
N GLU A 18 6.79 -27.23 -14.94
CA GLU A 18 8.18 -27.51 -14.64
C GLU A 18 8.39 -28.10 -13.25
N THR A 19 7.35 -28.11 -12.41
CA THR A 19 7.42 -28.73 -11.11
C THR A 19 7.11 -30.22 -11.23
N SER A 20 7.70 -31.01 -10.33
CA SER A 20 7.46 -32.45 -10.29
C SER A 20 6.30 -32.82 -9.38
N PHE A 21 5.56 -31.82 -8.89
CA PHE A 21 4.38 -32.04 -8.06
C PHE A 21 3.24 -31.21 -8.63
N ASP A 22 2.02 -31.59 -8.28
CA ASP A 22 0.84 -30.86 -8.72
C ASP A 22 0.61 -29.65 -7.81
N CYS A 23 0.46 -28.47 -8.41
CA CYS A 23 0.34 -27.23 -7.66
C CYS A 23 -1.10 -26.83 -7.39
N GLY A 24 -2.08 -27.47 -8.04
CA GLY A 24 -3.46 -27.11 -7.84
C GLY A 24 -3.91 -25.97 -8.75
N GLN A 25 -4.79 -25.12 -8.20
CA GLN A 25 -5.48 -24.12 -9.02
C GLN A 25 -4.49 -23.10 -9.60
N ILE A 26 -3.45 -22.76 -8.84
CA ILE A 26 -2.53 -21.70 -9.28
C ILE A 26 -1.95 -22.02 -10.65
N SER A 27 -1.84 -23.32 -10.99
CA SER A 27 -1.29 -23.69 -12.29
C SER A 27 -2.10 -23.12 -13.44
N TYR A 28 -3.37 -22.78 -13.22
CA TYR A 28 -4.25 -22.30 -14.27
C TYR A 28 -4.41 -20.79 -14.30
N GLU A 29 -3.95 -20.08 -13.26
CA GLU A 29 -4.07 -18.62 -13.20
C GLU A 29 -2.90 -18.06 -12.40
N PRO A 30 -1.69 -18.12 -12.97
CA PRO A 30 -0.52 -17.56 -12.25
C PRO A 30 -0.60 -16.06 -12.06
N GLN A 31 -1.48 -15.37 -12.78
CA GLN A 31 -1.58 -13.92 -12.71
C GLN A 31 -2.40 -13.41 -11.54
N SER A 32 -2.88 -14.29 -10.65
CA SER A 32 -3.93 -13.93 -9.70
C SER A 32 -3.53 -14.14 -8.24
N VAL A 33 -2.28 -13.87 -7.88
CA VAL A 33 -1.83 -14.01 -6.48
C VAL A 33 -1.96 -12.61 -5.87
N GLU A 34 -3.19 -12.29 -5.49
CA GLU A 34 -3.57 -10.96 -5.01
C GLU A 34 -3.93 -11.04 -3.54
N ALA A 35 -3.43 -10.11 -2.73
CA ALA A 35 -3.68 -10.11 -1.30
C ALA A 35 -3.40 -8.72 -0.75
N PRO A 36 -3.96 -8.38 0.41
CA PRO A 36 -3.78 -7.03 0.97
C PRO A 36 -2.32 -6.63 1.06
N LYS A 37 -2.09 -5.32 1.00
CA LYS A 37 -0.74 -4.78 1.16
C LYS A 37 -0.16 -5.19 2.50
N GLY A 38 1.18 -5.25 2.57
CA GLY A 38 1.89 -5.34 3.83
C GLY A 38 2.50 -6.67 4.18
N ALA A 39 2.28 -7.72 3.39
CA ALA A 39 2.81 -9.04 3.73
C ALA A 39 4.19 -9.24 3.13
N THR A 40 4.88 -10.28 3.62
CA THR A 40 6.19 -10.66 3.11
C THR A 40 6.28 -12.17 2.86
N THR A 41 5.14 -12.81 2.61
CA THR A 41 5.10 -14.22 2.26
C THR A 41 4.84 -14.38 0.77
N CYS A 42 5.24 -15.55 0.24
CA CYS A 42 5.16 -15.78 -1.20
C CYS A 42 3.73 -15.77 -1.70
N SER A 43 2.77 -16.13 -0.85
CA SER A 43 1.36 -16.10 -1.23
C SER A 43 0.68 -14.80 -0.84
N GLY A 44 1.34 -13.95 -0.06
CA GLY A 44 0.71 -12.78 0.50
C GLY A 44 -0.36 -13.07 1.53
N GLY A 45 -0.58 -14.34 1.88
CA GLY A 45 -1.68 -14.71 2.74
C GLY A 45 -2.95 -15.09 2.02
N ASN A 46 -2.93 -15.20 0.69
CA ASN A 46 -4.09 -15.63 -0.06
C ASN A 46 -4.24 -17.14 0.13
N GLU A 47 -5.31 -17.55 0.81
CA GLU A 47 -5.42 -18.93 1.27
C GLU A 47 -5.56 -19.91 0.11
N ALA A 48 -6.11 -19.48 -1.03
CA ALA A 48 -6.27 -20.39 -2.15
C ALA A 48 -4.96 -20.82 -2.77
N PHE A 49 -3.87 -20.13 -2.45
CA PHE A 49 -2.56 -20.39 -3.05
C PHE A 49 -1.51 -20.63 -1.99
N ALA A 50 -1.88 -21.37 -0.94
CA ALA A 50 -0.98 -21.60 0.18
C ALA A 50 0.21 -22.48 -0.17
N ILE A 51 0.12 -23.25 -1.26
CA ILE A 51 1.23 -24.13 -1.64
C ILE A 51 2.49 -23.32 -1.90
N LEU A 52 2.34 -22.09 -2.39
CA LEU A 52 3.52 -21.28 -2.72
C LEU A 52 4.38 -20.98 -1.50
N ASP A 53 3.84 -21.15 -0.29
CA ASP A 53 4.61 -20.93 0.92
C ASP A 53 5.29 -22.19 1.44
N ASP A 54 5.04 -23.35 0.82
CA ASP A 54 5.58 -24.61 1.31
C ASP A 54 7.01 -24.77 0.81
N ASN A 55 7.97 -24.64 1.71
CA ASN A 55 9.38 -24.77 1.37
C ASN A 55 9.87 -26.20 1.45
N SER A 56 9.04 -27.14 1.90
CA SER A 56 9.41 -28.55 1.89
C SER A 56 9.33 -29.15 0.50
N LYS A 57 8.61 -28.50 -0.42
CA LYS A 57 8.53 -28.99 -1.79
C LYS A 57 9.87 -28.79 -2.49
N PRO A 58 10.20 -29.68 -3.51
CA PRO A 58 11.45 -29.53 -4.28
C PRO A 58 11.35 -28.46 -5.37
N TRP A 59 11.19 -27.21 -4.95
CA TRP A 59 11.11 -26.10 -5.91
C TRP A 59 12.37 -26.04 -6.75
N PRO A 60 12.26 -25.87 -8.07
CA PRO A 60 13.47 -25.68 -8.88
C PRO A 60 14.09 -24.31 -8.66
N THR A 61 15.39 -24.24 -8.86
CA THR A 61 16.15 -23.00 -8.73
C THR A 61 16.69 -22.55 -10.08
N THR A 62 17.02 -21.27 -10.17
CA THR A 62 17.58 -20.68 -11.38
C THR A 62 18.95 -20.09 -11.06
N GLU A 63 19.93 -20.35 -11.91
CA GLU A 63 21.26 -19.78 -11.78
C GLU A 63 21.30 -18.41 -12.45
N ILE A 64 21.69 -17.40 -11.68
CA ILE A 64 21.72 -16.01 -12.15
C ILE A 64 23.01 -15.36 -11.64
N ALA A 65 23.30 -14.18 -12.18
CA ALA A 65 24.42 -13.38 -11.70
C ALA A 65 23.93 -12.40 -10.63
N SER A 66 24.88 -11.63 -10.08
CA SER A 66 24.52 -10.66 -9.05
C SER A 66 23.74 -9.48 -9.64
N THR A 67 23.94 -9.19 -10.92
CA THR A 67 23.14 -8.21 -11.64
C THR A 67 22.33 -8.95 -12.70
N VAL A 68 21.00 -8.85 -12.61
CA VAL A 68 20.11 -9.63 -13.44
C VAL A 68 18.94 -8.77 -13.88
N ASP A 69 18.46 -9.03 -15.10
CA ASP A 69 17.27 -8.37 -15.62
C ASP A 69 16.05 -9.25 -15.34
N LEU A 70 15.03 -8.66 -14.71
CA LEU A 70 13.86 -9.37 -14.23
C LEU A 70 12.63 -8.86 -14.97
N THR A 71 11.81 -9.77 -15.49
CA THR A 71 10.75 -9.43 -16.43
C THR A 71 9.38 -9.83 -15.89
N TRP A 72 8.43 -8.89 -15.96
CA TRP A 72 7.03 -9.14 -15.63
C TRP A 72 6.22 -9.37 -16.90
N LYS A 73 5.11 -10.10 -16.75
CA LYS A 73 4.04 -10.13 -17.75
C LYS A 73 2.74 -9.72 -17.07
N LEU A 74 2.19 -8.59 -17.50
CA LEU A 74 0.94 -8.08 -16.95
C LEU A 74 -0.20 -8.35 -17.92
N THR A 75 -1.31 -8.87 -17.39
CA THR A 75 -2.53 -9.03 -18.17
C THR A 75 -3.50 -7.89 -17.97
N ALA A 76 -3.42 -7.18 -16.84
CA ALA A 76 -4.28 -6.03 -16.56
C ALA A 76 -3.42 -4.99 -15.84
N PRO A 77 -2.78 -3.95 -16.66
CA PRO A 77 -1.79 -3.03 -16.08
C PRO A 77 -2.40 -1.92 -15.22
N HIS A 78 -2.62 -2.24 -13.95
CA HIS A 78 -3.20 -1.28 -13.03
C HIS A 78 -2.21 -0.15 -12.73
N ASN A 79 -2.74 1.06 -12.56
CA ASN A 79 -1.95 2.16 -12.03
C ASN A 79 -1.21 1.68 -10.78
N THR A 80 0.07 2.03 -10.71
CA THR A 80 1.00 1.41 -9.76
C THR A 80 1.70 2.48 -8.94
N SER A 81 1.89 2.19 -7.66
CA SER A 81 2.64 3.08 -6.76
C SER A 81 4.12 2.72 -6.78
N THR A 82 4.47 1.57 -6.21
CA THR A 82 5.86 1.12 -6.19
C THR A 82 5.95 -0.38 -6.51
N TRP A 83 7.12 -0.77 -6.99
CA TRP A 83 7.52 -2.17 -7.08
C TRP A 83 8.64 -2.40 -6.07
N GLU A 84 8.40 -3.29 -5.10
CA GLU A 84 9.35 -3.55 -4.03
C GLU A 84 9.95 -4.93 -4.17
N TYR A 85 11.26 -5.04 -3.92
CA TYR A 85 11.98 -6.30 -4.00
C TYR A 85 12.66 -6.58 -2.67
N PHE A 86 12.39 -7.75 -2.11
CA PHE A 86 13.04 -8.22 -0.90
C PHE A 86 13.97 -9.38 -1.25
N VAL A 87 15.07 -9.48 -0.51
CA VAL A 87 15.95 -10.64 -0.55
C VAL A 87 15.90 -11.29 0.81
N ASP A 88 15.41 -12.52 0.86
CA ASP A 88 15.27 -13.26 2.12
C ASP A 88 14.51 -12.44 3.15
N GLY A 89 13.47 -11.75 2.69
CA GLY A 89 12.58 -11.02 3.57
C GLY A 89 12.98 -9.60 3.87
N GLN A 90 14.12 -9.14 3.37
CA GLN A 90 14.61 -7.79 3.65
C GLN A 90 14.59 -6.95 2.38
N LEU A 91 14.02 -5.76 2.48
CA LEU A 91 13.89 -4.87 1.33
C LEU A 91 15.24 -4.59 0.68
N HIS A 92 15.31 -4.72 -0.63
CA HIS A 92 16.54 -4.56 -1.39
C HIS A 92 16.53 -3.37 -2.33
N GLN A 93 15.50 -3.23 -3.17
CA GLN A 93 15.41 -2.14 -4.12
C GLN A 93 13.95 -1.72 -4.27
N THR A 94 13.73 -0.43 -4.50
CA THR A 94 12.40 0.10 -4.75
C THR A 94 12.39 0.86 -6.06
N PHE A 95 11.34 0.63 -6.86
CA PHE A 95 11.07 1.38 -8.07
C PHE A 95 9.75 2.12 -7.89
N ASP A 96 9.75 3.41 -8.22
CA ASP A 96 8.56 4.24 -8.12
C ASP A 96 7.94 4.41 -9.51
N GLN A 97 6.66 4.07 -9.63
CA GLN A 97 5.91 4.28 -10.86
C GLN A 97 5.10 5.56 -10.83
N LYS A 98 5.09 6.27 -9.69
CA LYS A 98 4.46 7.58 -9.60
C LYS A 98 2.96 7.52 -9.85
N GLY A 99 2.35 6.38 -9.57
CA GLY A 99 0.92 6.21 -9.77
C GLY A 99 0.49 6.04 -11.21
N GLN A 100 1.43 5.78 -12.12
CA GLN A 100 1.12 5.66 -13.53
C GLN A 100 0.83 4.21 -13.92
N GLN A 101 0.19 4.05 -15.07
CA GLN A 101 -0.05 2.74 -15.67
C GLN A 101 1.23 2.21 -16.30
N PRO A 102 1.67 1.00 -15.96
CA PRO A 102 2.92 0.48 -16.53
C PRO A 102 2.69 -0.21 -17.87
N PRO A 103 3.75 -0.47 -18.62
CA PRO A 103 3.60 -1.28 -19.84
C PRO A 103 3.45 -2.76 -19.51
N THR A 104 2.74 -3.47 -20.40
CA THR A 104 2.38 -4.85 -20.10
C THR A 104 3.60 -5.77 -20.08
N SER A 105 4.66 -5.41 -20.80
CA SER A 105 5.94 -6.06 -20.66
C SER A 105 6.89 -5.07 -19.99
N LEU A 106 7.47 -5.48 -18.85
CA LEU A 106 8.22 -4.57 -18.00
C LEU A 106 9.45 -5.28 -17.46
N THR A 107 10.61 -4.63 -17.56
CA THR A 107 11.87 -5.20 -17.11
C THR A 107 12.56 -4.25 -16.14
N HIS A 108 13.05 -4.81 -15.04
CA HIS A 108 13.84 -4.07 -14.06
C HIS A 108 15.18 -4.75 -13.89
N THR A 109 16.20 -3.96 -13.52
CA THR A 109 17.55 -4.47 -13.31
C THR A 109 17.88 -4.41 -11.82
N LEU A 110 18.03 -5.57 -11.20
CA LEU A 110 18.50 -5.66 -9.81
C LEU A 110 20.01 -5.79 -9.78
N THR A 111 20.63 -5.20 -8.76
CA THR A 111 22.08 -5.25 -8.61
C THR A 111 22.45 -5.56 -7.16
N ASP A 112 23.69 -6.01 -6.99
CA ASP A 112 24.26 -6.24 -5.65
C ASP A 112 23.53 -7.36 -4.91
N LEU A 113 23.13 -8.39 -5.65
CA LEU A 113 22.50 -9.55 -5.02
C LEU A 113 23.56 -10.39 -4.31
N PRO A 114 23.29 -10.85 -3.09
CA PRO A 114 24.29 -11.66 -2.38
C PRO A 114 24.41 -13.05 -2.99
N THR A 115 25.62 -13.58 -2.96
CA THR A 115 25.90 -14.88 -3.54
C THR A 115 25.34 -16.00 -2.67
N GLY A 116 25.11 -17.15 -3.29
CA GLY A 116 24.53 -18.30 -2.60
C GLY A 116 23.06 -18.47 -2.94
N GLU A 117 22.43 -19.39 -2.21
CA GLU A 117 21.02 -19.68 -2.39
CA GLU A 117 21.02 -19.66 -2.40
C GLU A 117 20.18 -18.62 -1.69
N HIS A 118 19.18 -18.07 -2.40
CA HIS A 118 18.32 -17.05 -1.84
C HIS A 118 16.95 -17.14 -2.50
N THR A 119 15.99 -16.45 -1.89
CA THR A 119 14.65 -16.30 -2.45
C THR A 119 14.31 -14.81 -2.52
N ILE A 120 14.00 -14.33 -3.71
CA ILE A 120 13.57 -12.95 -3.92
C ILE A 120 12.05 -12.90 -3.85
N LEU A 121 11.52 -11.87 -3.20
CA LEU A 121 10.09 -11.61 -3.18
C LEU A 121 9.81 -10.29 -3.89
N ALA A 122 8.96 -10.35 -4.90
CA ALA A 122 8.54 -9.17 -5.66
C ALA A 122 7.12 -8.79 -5.25
N ARG A 123 6.95 -7.56 -4.79
CA ARG A 123 5.67 -7.09 -4.25
C ARG A 123 5.19 -5.91 -5.11
N TRP A 124 4.07 -6.11 -5.81
CA TRP A 124 3.52 -5.11 -6.73
C TRP A 124 2.35 -4.42 -6.05
N ASN A 125 2.53 -3.13 -5.76
CA ASN A 125 1.54 -2.36 -5.00
C ASN A 125 0.68 -1.54 -5.96
N VAL A 126 -0.63 -1.74 -5.88
CA VAL A 126 -1.59 -1.03 -6.73
C VAL A 126 -1.97 0.27 -6.06
N SER A 127 -1.99 1.36 -6.83
CA SER A 127 -2.11 2.70 -6.27
C SER A 127 -3.53 3.10 -5.92
N ASN A 128 -4.55 2.41 -6.45
CA ASN A 128 -5.94 2.78 -6.19
C ASN A 128 -6.73 1.68 -5.52
N THR A 129 -6.08 0.61 -5.05
CA THR A 129 -6.72 -0.40 -4.21
C THR A 129 -5.80 -0.71 -3.03
N ASN A 130 -6.26 -1.58 -2.15
CA ASN A 130 -5.49 -1.96 -0.97
C ASN A 130 -4.75 -3.27 -1.14
N ASN A 131 -4.60 -3.74 -2.36
CA ASN A 131 -4.04 -5.05 -2.65
C ASN A 131 -2.69 -4.93 -3.35
N ALA A 132 -1.89 -5.99 -3.22
CA ALA A 132 -0.64 -6.13 -3.95
C ALA A 132 -0.56 -7.54 -4.52
N PHE A 133 0.37 -7.72 -5.46
CA PHE A 133 0.60 -9.02 -6.07
C PHE A 133 1.98 -9.53 -5.69
N TYR A 134 2.05 -10.82 -5.34
CA TYR A 134 3.21 -11.39 -4.67
C TYR A 134 3.84 -12.47 -5.54
N ASN A 135 5.14 -12.36 -5.78
CA ASN A 135 5.87 -13.30 -6.63
C ASN A 135 7.20 -13.65 -5.99
N CYS A 136 7.47 -14.95 -5.84
CA CYS A 136 8.74 -15.42 -5.29
C CYS A 136 9.57 -16.12 -6.36
N MET A 137 10.89 -15.89 -6.32
CA MET A 137 11.83 -16.54 -7.21
C MET A 137 12.94 -17.17 -6.38
N ASP A 138 13.12 -18.49 -6.52
CA ASP A 138 14.27 -19.17 -5.92
C ASP A 138 15.45 -19.10 -6.87
N VAL A 139 16.62 -18.72 -6.36
CA VAL A 139 17.76 -18.43 -7.22
C VAL A 139 19.05 -18.86 -6.51
N VAL A 140 20.07 -19.14 -7.33
CA VAL A 140 21.43 -19.36 -6.87
C VAL A 140 22.31 -18.33 -7.56
N VAL A 141 22.90 -17.43 -6.77
CA VAL A 141 23.69 -16.33 -7.31
C VAL A 141 25.17 -16.68 -7.21
N SER A 142 25.90 -16.46 -8.30
CA SER A 142 27.35 -16.69 -8.33
C SER A 142 28.05 -15.53 -9.02
N HIS B 1 -9.92 6.22 -2.60
CA HIS B 1 -8.60 6.65 -2.12
C HIS B 1 -8.47 8.16 -2.16
N GLY B 2 -7.93 8.73 -1.10
CA GLY B 2 -7.78 10.17 -0.99
C GLY B 2 -7.18 10.54 0.36
N TRP B 3 -6.76 11.79 0.47
CA TRP B 3 -6.12 12.25 1.70
C TRP B 3 -6.25 13.76 1.82
N VAL B 4 -6.09 14.24 3.04
CA VAL B 4 -6.20 15.67 3.36
C VAL B 4 -4.85 16.33 3.09
N THR B 5 -4.88 17.46 2.39
CA THR B 5 -3.66 18.19 2.03
C THR B 5 -3.43 19.45 2.84
N ASP B 6 -4.49 20.04 3.41
CA ASP B 6 -4.36 21.32 4.08
C ASP B 6 -5.43 21.49 5.16
N PRO B 7 -5.04 21.53 6.44
CA PRO B 7 -3.67 21.40 6.96
C PRO B 7 -3.12 19.99 6.73
N PRO B 8 -1.83 19.88 6.47
CA PRO B 8 -1.28 18.61 6.00
C PRO B 8 -1.41 17.51 7.03
N SER B 9 -2.01 16.39 6.62
CA SER B 9 -2.10 15.22 7.46
C SER B 9 -0.73 14.58 7.63
N ARG B 10 -0.67 13.49 8.40
CA ARG B 10 0.60 12.81 8.64
C ARG B 10 1.13 12.14 7.39
N GLN B 11 0.25 11.56 6.58
CA GLN B 11 0.69 10.93 5.34
C GLN B 11 1.13 11.97 4.31
N ALA B 12 0.49 13.13 4.28
CA ALA B 12 0.89 14.19 3.36
C ALA B 12 2.30 14.68 3.68
N LEU B 13 2.63 14.80 4.97
CA LEU B 13 3.95 15.31 5.35
C LEU B 13 5.04 14.32 4.97
N CYS B 14 4.83 13.03 5.24
CA CYS B 14 5.73 12.00 4.71
C CYS B 14 5.89 12.15 3.20
N ALA B 15 4.77 12.22 2.47
CA ALA B 15 4.81 12.20 1.02
C ALA B 15 5.54 13.41 0.46
N SER B 16 5.50 14.55 1.17
CA SER B 16 6.19 15.76 0.73
CA SER B 16 6.19 15.76 0.73
C SER B 16 7.62 15.84 1.24
N GLY B 17 8.06 14.88 2.04
CA GLY B 17 9.42 14.89 2.55
C GLY B 17 9.67 15.87 3.67
N GLU B 18 8.63 16.27 4.39
CA GLU B 18 8.76 17.26 5.45
C GLU B 18 8.95 16.63 6.83
N THR B 19 8.92 15.30 6.94
CA THR B 19 9.25 14.63 8.18
C THR B 19 10.75 14.41 8.27
N SER B 20 11.26 14.41 9.50
CA SER B 20 12.67 14.15 9.74
C SER B 20 12.99 12.66 9.82
N PHE B 21 12.08 11.81 9.38
CA PHE B 21 12.27 10.37 9.43
C PHE B 21 11.60 9.75 8.22
N ASP B 22 11.95 8.49 7.95
CA ASP B 22 11.43 7.78 6.79
C ASP B 22 10.17 7.03 7.18
N CYS B 23 9.08 7.27 6.45
CA CYS B 23 7.80 6.66 6.74
C CYS B 23 7.57 5.36 5.97
N GLY B 24 8.49 4.97 5.10
CA GLY B 24 8.34 3.76 4.33
C GLY B 24 7.36 3.84 3.18
N GLN B 25 6.53 2.81 3.02
CA GLN B 25 5.69 2.69 1.84
C GLN B 25 4.76 3.89 1.68
N ILE B 26 4.19 4.39 2.78
CA ILE B 26 3.15 5.41 2.70
C ILE B 26 3.64 6.66 1.98
N SER B 27 4.96 6.88 1.91
CA SER B 27 5.50 8.07 1.27
C SER B 27 5.30 8.07 -0.24
N TYR B 28 4.94 6.92 -0.83
CA TYR B 28 4.68 6.84 -2.26
C TYR B 28 3.19 6.80 -2.59
N GLU B 29 2.32 6.84 -1.59
CA GLU B 29 0.88 6.74 -1.81
C GLU B 29 0.10 7.27 -0.62
N PRO B 30 0.09 8.58 -0.39
CA PRO B 30 -0.66 9.13 0.75
C PRO B 30 -2.16 8.89 0.68
N GLN B 31 -2.69 8.44 -0.46
CA GLN B 31 -4.12 8.28 -0.66
C GLN B 31 -4.66 6.94 -0.18
N SER B 32 -3.85 6.12 0.49
CA SER B 32 -4.11 4.69 0.58
C SER B 32 -4.43 4.17 1.98
N VAL B 33 -4.72 5.03 2.94
CA VAL B 33 -4.88 4.56 4.33
C VAL B 33 -6.31 4.07 4.52
N GLU B 34 -6.61 2.89 3.98
CA GLU B 34 -7.92 2.28 4.06
C GLU B 34 -7.95 1.21 5.14
N ALA B 35 -9.10 1.07 5.82
CA ALA B 35 -9.29 0.04 6.83
C ALA B 35 -10.77 -0.04 7.20
N PRO B 36 -11.20 -1.08 7.91
CA PRO B 36 -12.62 -1.20 8.25
C PRO B 36 -13.12 -0.03 9.09
N LYS B 37 -14.42 0.24 8.97
CA LYS B 37 -15.04 1.34 9.68
C LYS B 37 -14.92 1.14 11.19
N GLY B 38 -15.09 2.26 11.92
CA GLY B 38 -15.22 2.20 13.36
C GLY B 38 -13.96 2.42 14.17
N ALA B 39 -12.81 2.57 13.53
CA ALA B 39 -11.57 2.75 14.27
C ALA B 39 -11.42 4.20 14.72
N THR B 40 -10.45 4.43 15.63
CA THR B 40 -10.13 5.77 16.08
C THR B 40 -8.62 6.01 16.09
N THR B 41 -7.85 5.27 15.30
CA THR B 41 -6.42 5.46 15.17
C THR B 41 -6.10 6.11 13.83
N CYS B 42 -4.88 6.64 13.73
CA CYS B 42 -4.47 7.38 12.55
C CYS B 42 -4.21 6.47 11.35
N SER B 43 -3.80 5.24 11.60
CA SER B 43 -3.63 4.27 10.53
C SER B 43 -4.92 3.48 10.26
N GLY B 44 -5.93 3.61 11.12
CA GLY B 44 -7.10 2.76 11.04
C GLY B 44 -6.83 1.30 11.30
N GLY B 45 -5.60 0.92 11.65
CA GLY B 45 -5.23 -0.47 11.84
C GLY B 45 -4.64 -1.15 10.62
N ASN B 46 -4.46 -0.42 9.52
CA ASN B 46 -3.88 -1.02 8.32
C ASN B 46 -2.41 -1.32 8.57
N GLU B 47 -2.06 -2.61 8.57
CA GLU B 47 -0.72 -3.04 8.98
C GLU B 47 0.36 -2.51 8.06
N ALA B 48 0.04 -2.18 6.80
CA ALA B 48 1.04 -1.67 5.89
C ALA B 48 1.52 -0.27 6.26
N PHE B 49 0.77 0.46 7.08
CA PHE B 49 1.04 1.85 7.39
C PHE B 49 1.00 2.11 8.88
N ALA B 50 1.61 1.22 9.68
CA ALA B 50 1.59 1.35 11.13
C ALA B 50 2.41 2.53 11.63
N ILE B 51 3.33 3.05 10.81
CA ILE B 51 4.16 4.17 11.26
C ILE B 51 3.29 5.35 11.71
N LEU B 52 2.12 5.52 11.10
CA LEU B 52 1.29 6.68 11.36
C LEU B 52 0.79 6.74 12.80
N ASP B 53 0.84 5.63 13.53
CA ASP B 53 0.40 5.59 14.91
C ASP B 53 1.52 5.85 15.92
N ASP B 54 2.74 6.08 15.45
CA ASP B 54 3.90 6.18 16.34
C ASP B 54 3.98 7.61 16.88
N ASN B 55 3.44 7.81 18.08
CA ASN B 55 3.52 9.11 18.74
C ASN B 55 4.88 9.35 19.38
N SER B 56 5.81 8.40 19.30
CA SER B 56 7.18 8.66 19.74
C SER B 56 7.96 9.47 18.71
N LYS B 57 7.51 9.45 17.45
CA LYS B 57 8.16 10.24 16.41
C LYS B 57 7.83 11.72 16.59
N PRO B 58 8.77 12.70 16.07
CA PRO B 58 8.51 14.15 16.15
C PRO B 58 7.63 14.65 15.01
N TRP B 59 6.32 14.44 15.13
CA TRP B 59 5.40 14.82 14.07
C TRP B 59 5.27 16.34 14.02
N PRO B 60 5.37 16.96 12.85
CA PRO B 60 5.20 18.42 12.77
C PRO B 60 3.77 18.83 13.09
N THR B 61 3.62 20.11 13.42
CA THR B 61 2.31 20.68 13.71
C THR B 61 2.08 21.92 12.86
N THR B 62 0.81 22.27 12.68
CA THR B 62 0.39 23.45 11.94
C THR B 62 -0.38 24.39 12.86
N GLU B 63 -0.09 25.68 12.76
CA GLU B 63 -0.81 26.69 13.53
C GLU B 63 -2.06 27.10 12.76
N ILE B 64 -3.21 27.05 13.45
CA ILE B 64 -4.50 27.34 12.83
C ILE B 64 -5.33 28.17 13.81
N ALA B 65 -6.44 28.70 13.30
CA ALA B 65 -7.40 29.42 14.12
C ALA B 65 -8.56 28.50 14.48
N SER B 66 -9.47 29.00 15.32
CA SER B 66 -10.59 28.20 15.77
C SER B 66 -11.58 27.89 14.65
N THR B 67 -11.50 28.60 13.53
CA THR B 67 -12.21 28.22 12.31
C THR B 67 -11.17 27.89 11.24
N VAL B 68 -11.26 26.70 10.66
CA VAL B 68 -10.27 26.21 9.72
C VAL B 68 -10.98 25.51 8.57
N ASP B 69 -10.40 25.63 7.38
CA ASP B 69 -10.85 24.90 6.20
C ASP B 69 -9.97 23.69 5.99
N LEU B 70 -10.59 22.51 5.88
CA LEU B 70 -9.90 21.27 5.55
C LEU B 70 -10.13 20.94 4.09
N THR B 71 -9.06 20.62 3.36
CA THR B 71 -9.16 20.36 1.93
C THR B 71 -8.73 18.93 1.63
N TRP B 72 -9.60 18.20 0.93
CA TRP B 72 -9.33 16.85 0.49
C TRP B 72 -8.89 16.82 -0.97
N LYS B 73 -8.01 15.88 -1.30
CA LYS B 73 -7.75 15.50 -2.68
C LYS B 73 -8.09 14.03 -2.84
N LEU B 74 -8.95 13.71 -3.81
CA LEU B 74 -9.42 12.35 -4.03
C LEU B 74 -8.87 11.84 -5.36
N THR B 75 -8.14 10.74 -5.29
CA THR B 75 -7.66 10.06 -6.49
C THR B 75 -8.68 9.09 -7.06
N ALA B 76 -9.61 8.61 -6.22
CA ALA B 76 -10.71 7.77 -6.68
C ALA B 76 -11.94 8.09 -5.83
N PRO B 77 -12.85 8.91 -6.34
CA PRO B 77 -13.98 9.37 -5.51
C PRO B 77 -15.13 8.37 -5.44
N HIS B 78 -15.18 7.58 -4.38
CA HIS B 78 -16.26 6.62 -4.19
C HIS B 78 -17.55 7.31 -3.78
N ASN B 79 -18.66 6.61 -3.97
CA ASN B 79 -19.92 7.02 -3.37
C ASN B 79 -19.76 7.07 -1.86
N THR B 80 -20.07 8.22 -1.27
CA THR B 80 -19.72 8.51 0.11
C THR B 80 -20.96 8.64 0.99
N SER B 81 -20.80 8.23 2.25
CA SER B 81 -21.85 8.42 3.25
CA SER B 81 -21.84 8.42 3.25
C SER B 81 -21.54 9.65 4.10
N THR B 82 -20.96 9.47 5.29
CA THR B 82 -20.64 10.59 6.17
C THR B 82 -19.14 10.84 6.22
N TRP B 83 -18.79 12.11 6.45
CA TRP B 83 -17.44 12.52 6.85
C TRP B 83 -17.48 12.87 8.33
N GLU B 84 -16.72 12.16 9.15
CA GLU B 84 -16.75 12.33 10.59
C GLU B 84 -15.42 12.88 11.08
N TYR B 85 -15.48 13.95 11.87
CA TYR B 85 -14.29 14.61 12.39
C TYR B 85 -14.24 14.51 13.92
N PHE B 86 -13.13 14.00 14.43
CA PHE B 86 -12.88 13.92 15.86
C PHE B 86 -11.80 14.91 16.26
N VAL B 87 -11.82 15.32 17.52
CA VAL B 87 -10.77 16.15 18.10
C VAL B 87 -10.34 15.47 19.40
N ASP B 88 -9.12 14.94 19.44
CA ASP B 88 -8.62 14.22 20.60
C ASP B 88 -9.53 13.04 20.97
N GLY B 89 -10.01 12.34 19.94
CA GLY B 89 -10.77 11.11 20.15
C GLY B 89 -12.26 11.28 20.30
N GLN B 90 -12.77 12.51 20.40
CA GLN B 90 -14.19 12.78 20.60
C GLN B 90 -14.77 13.45 19.37
N LEU B 91 -15.96 13.01 18.96
CA LEU B 91 -16.57 13.49 17.73
C LEU B 91 -16.92 14.97 17.84
N HIS B 92 -16.60 15.73 16.80
CA HIS B 92 -16.78 17.18 16.81
C HIS B 92 -17.79 17.68 15.78
N GLN B 93 -17.79 17.13 14.56
CA GLN B 93 -18.76 17.54 13.56
C GLN B 93 -18.89 16.46 12.50
N THR B 94 -20.10 16.32 11.97
CA THR B 94 -20.40 15.38 10.90
C THR B 94 -20.93 16.11 9.69
N PHE B 95 -20.42 15.76 8.51
CA PHE B 95 -21.01 16.14 7.24
C PHE B 95 -21.57 14.89 6.56
N ASP B 96 -22.52 15.10 5.65
CA ASP B 96 -23.26 13.99 5.04
C ASP B 96 -23.32 14.19 3.53
N GLN B 97 -22.81 13.22 2.79
CA GLN B 97 -22.88 13.24 1.33
C GLN B 97 -24.10 12.51 0.77
N LYS B 98 -24.77 11.70 1.58
CA LYS B 98 -26.03 11.06 1.19
C LYS B 98 -25.82 10.08 0.03
N GLY B 99 -24.72 9.33 0.09
CA GLY B 99 -24.49 8.27 -0.88
C GLY B 99 -24.14 8.72 -2.27
N GLN B 100 -23.78 9.98 -2.46
CA GLN B 100 -23.42 10.50 -3.78
C GLN B 100 -21.91 10.50 -3.96
N GLN B 101 -21.50 10.72 -5.21
CA GLN B 101 -20.08 10.76 -5.56
C GLN B 101 -19.56 12.18 -5.39
N PRO B 102 -18.59 12.41 -4.51
CA PRO B 102 -18.09 13.78 -4.29
C PRO B 102 -17.16 14.22 -5.41
N PRO B 103 -16.91 15.51 -5.54
CA PRO B 103 -15.90 15.97 -6.50
C PRO B 103 -14.51 15.55 -6.07
N THR B 104 -13.55 15.66 -7.00
CA THR B 104 -12.18 15.27 -6.71
C THR B 104 -11.45 16.29 -5.85
N SER B 105 -12.06 17.42 -5.53
CA SER B 105 -11.50 18.40 -4.61
C SER B 105 -12.61 18.94 -3.75
N LEU B 106 -12.45 18.85 -2.43
CA LEU B 106 -13.54 19.10 -1.50
C LEU B 106 -13.03 19.80 -0.27
N THR B 107 -13.73 20.85 0.16
CA THR B 107 -13.37 21.61 1.34
C THR B 107 -14.53 21.59 2.35
N HIS B 108 -14.21 21.25 3.60
CA HIS B 108 -15.15 21.36 4.72
C HIS B 108 -14.62 22.39 5.71
N THR B 109 -15.55 23.08 6.38
CA THR B 109 -15.20 24.12 7.35
C THR B 109 -15.63 23.67 8.75
N LEU B 110 -14.66 23.56 9.66
CA LEU B 110 -14.91 23.28 11.05
C LEU B 110 -14.81 24.57 11.86
N THR B 111 -15.64 24.69 12.90
CA THR B 111 -15.67 25.89 13.73
C THR B 111 -15.59 25.51 15.20
N ASP B 112 -15.30 26.52 16.02
CA ASP B 112 -15.38 26.41 17.47
C ASP B 112 -14.46 25.31 18.00
N LEU B 113 -13.24 25.26 17.49
CA LEU B 113 -12.25 24.33 18.01
C LEU B 113 -11.68 24.83 19.34
N PRO B 114 -11.28 23.93 20.22
CA PRO B 114 -10.74 24.37 21.51
C PRO B 114 -9.26 24.76 21.42
N THR B 115 -8.88 25.70 22.28
CA THR B 115 -7.52 26.20 22.31
C THR B 115 -6.53 25.10 22.70
N GLY B 116 -5.33 25.19 22.15
CA GLY B 116 -4.23 24.34 22.55
C GLY B 116 -3.81 23.36 21.46
N GLU B 117 -2.96 22.42 21.86
CA GLU B 117 -2.49 21.37 20.97
C GLU B 117 -3.53 20.25 20.91
N HIS B 118 -3.85 19.80 19.70
CA HIS B 118 -4.84 18.74 19.52
C HIS B 118 -4.48 17.92 18.30
N THR B 119 -5.21 16.81 18.13
CA THR B 119 -5.13 16.00 16.92
C THR B 119 -6.53 15.83 16.36
N ILE B 120 -6.71 16.20 15.10
CA ILE B 120 -7.97 15.99 14.39
C ILE B 120 -7.88 14.70 13.61
N LEU B 121 -8.87 13.84 13.77
CA LEU B 121 -9.02 12.63 12.96
C LEU B 121 -10.21 12.82 12.01
N ALA B 122 -9.94 12.71 10.72
CA ALA B 122 -11.00 12.74 9.71
C ALA B 122 -11.27 11.32 9.24
N ARG B 123 -12.54 10.91 9.31
CA ARG B 123 -12.94 9.53 9.00
C ARG B 123 -13.89 9.56 7.82
N TRP B 124 -13.39 9.22 6.65
CA TRP B 124 -14.16 9.20 5.42
C TRP B 124 -14.81 7.82 5.26
N ASN B 125 -16.14 7.78 5.36
CA ASN B 125 -16.89 6.54 5.28
C ASN B 125 -17.39 6.33 3.85
N VAL B 126 -17.15 5.14 3.31
CA VAL B 126 -17.56 4.80 1.95
C VAL B 126 -18.95 4.17 2.00
N SER B 127 -19.75 4.48 0.99
CA SER B 127 -21.12 3.97 0.92
C SER B 127 -21.15 2.52 0.42
N ASN B 128 -21.83 1.66 1.18
CA ASN B 128 -22.10 0.28 0.78
C ASN B 128 -20.86 -0.59 0.78
N THR B 129 -19.79 -0.16 1.42
CA THR B 129 -18.68 -1.03 1.79
C THR B 129 -18.29 -0.72 3.22
N ASN B 130 -17.69 -1.72 3.88
CA ASN B 130 -17.38 -1.63 5.30
C ASN B 130 -16.03 -0.96 5.57
N ASN B 131 -15.60 -0.05 4.71
CA ASN B 131 -14.29 0.56 4.80
C ASN B 131 -14.41 2.05 5.06
N ALA B 132 -13.33 2.62 5.59
CA ALA B 132 -13.19 4.06 5.73
C ALA B 132 -11.74 4.44 5.45
N PHE B 133 -11.48 5.73 5.33
CA PHE B 133 -10.15 6.26 5.14
C PHE B 133 -9.79 7.17 6.31
N TYR B 134 -8.54 7.10 6.74
CA TYR B 134 -8.13 7.65 8.03
C TYR B 134 -7.03 8.69 7.84
N ASN B 135 -7.23 9.86 8.44
CA ASN B 135 -6.34 11.01 8.28
C ASN B 135 -6.23 11.73 9.62
N CYS B 136 -5.03 11.78 10.17
CA CYS B 136 -4.78 12.58 11.37
C CYS B 136 -4.09 13.89 11.01
N MET B 137 -4.46 14.95 11.71
CA MET B 137 -3.88 16.27 11.54
C MET B 137 -3.50 16.82 12.90
N ASP B 138 -2.21 17.09 13.09
CA ASP B 138 -1.71 17.64 14.36
C ASP B 138 -1.60 19.15 14.22
N VAL B 139 -2.20 19.87 15.17
CA VAL B 139 -2.40 21.31 15.03
C VAL B 139 -2.27 21.99 16.39
N VAL B 140 -2.11 23.31 16.35
CA VAL B 140 -2.06 24.15 17.54
C VAL B 140 -3.04 25.29 17.31
N VAL B 141 -4.19 25.22 17.97
CA VAL B 141 -5.22 26.25 17.81
C VAL B 141 -4.92 27.41 18.75
N SER B 142 -5.01 28.62 18.24
CA SER B 142 -4.84 29.83 19.06
C SER B 142 -5.76 30.94 18.58
#